data_4BV8
#
_entry.id   4BV8
#
_cell.length_a   45.280
_cell.length_b   96.550
_cell.length_c   76.080
_cell.angle_alpha   90.00
_cell.angle_beta   103.28
_cell.angle_gamma   90.00
#
_symmetry.space_group_name_H-M   'P 1 21 1'
#
loop_
_entity.id
_entity.type
_entity.pdbx_description
1 polymer 'THIOMORPHOLINE-CARBOXYLATE DEHYDROGENASE'
2 non-polymer 'POTASSIUM ION'
3 non-polymer GLYCEROL
4 water water
#
_entity_poly.entity_id   1
_entity_poly.type   'polypeptide(L)'
_entity_poly.pdbx_seq_one_letter_code
;MSYYHHHHHHLESTSLYKKAGLMKRAPAFLSAEEVQDHLRSSSLLIPPLEAALANFSKGPDGGVMQPVRTVVPVAKHRGF
LGVMPAYSAAEDALTTKLVTFYEGHSNTAVPSHQASVLLFDPSNGSLLAVMDGNVITAKRTAAVSAIATKLLKPPGSDVL
CILGAGVQAYSHYEIFTEQFSFKEVRMWNRTRENAEKFASTVQGDVRVCSSVQEAVTGADVIITVTMATEPILFGEWVKP
GAHINAVGASRPDWRELDDELMRQAVLYVDSREAALKESGDVLLSGADIFAELGEVISGAKPAHCEKTTVFKSLGMAVED
LVAAKLVYDSWSSGK
;
_entity_poly.pdbx_strand_id   A,B
#
# COMPACT_ATOMS: atom_id res chain seq x y z
N ARG A 25 31.81 -36.17 -6.83
CA ARG A 25 32.05 -34.97 -7.68
C ARG A 25 32.07 -33.70 -6.85
N ALA A 26 33.02 -32.81 -7.15
CA ALA A 26 33.17 -31.58 -6.40
C ALA A 26 31.93 -30.69 -6.55
N PRO A 27 31.56 -29.97 -5.48
CA PRO A 27 30.47 -29.02 -5.61
C PRO A 27 30.90 -27.76 -6.32
N ALA A 28 29.96 -27.01 -6.86
CA ALA A 28 30.24 -25.69 -7.41
C ALA A 28 30.46 -24.73 -6.26
N PHE A 29 31.37 -23.78 -6.43
CA PHE A 29 31.53 -22.71 -5.44
C PHE A 29 31.06 -21.39 -6.02
N LEU A 30 30.07 -20.77 -5.37
CA LEU A 30 29.52 -19.49 -5.80
C LEU A 30 29.91 -18.37 -4.84
N SER A 31 30.74 -17.46 -5.33
CA SER A 31 31.22 -16.35 -4.52
C SER A 31 30.11 -15.34 -4.24
N ALA A 32 30.40 -14.39 -3.35
CA ALA A 32 29.49 -13.30 -3.03
C ALA A 32 29.06 -12.52 -4.29
N GLU A 33 29.99 -12.31 -5.21
CA GLU A 33 29.69 -11.60 -6.45
C GLU A 33 28.74 -12.41 -7.35
N GLU A 34 29.05 -13.70 -7.51
CA GLU A 34 28.18 -14.63 -8.26
C GLU A 34 26.79 -14.76 -7.63
N VAL A 35 26.71 -14.75 -6.30
CA VAL A 35 25.42 -14.83 -5.61
C VAL A 35 24.56 -13.60 -5.88
N GLN A 36 25.18 -12.42 -5.75
CA GLN A 36 24.49 -11.16 -5.90
C GLN A 36 23.97 -10.97 -7.33
N ASP A 37 24.73 -11.46 -8.30
CA ASP A 37 24.32 -11.42 -9.71
C ASP A 37 23.07 -12.27 -10.00
N HIS A 38 22.82 -13.28 -9.18
CA HIS A 38 21.64 -14.14 -9.33
C HIS A 38 20.52 -13.84 -8.30
N LEU A 39 20.61 -12.69 -7.63
CA LEU A 39 19.58 -12.23 -6.69
C LEU A 39 19.34 -10.73 -6.84
N ARG A 40 19.22 -10.26 -8.08
CA ARG A 40 19.00 -8.85 -8.33
C ARG A 40 17.52 -8.46 -8.19
N SER A 41 16.62 -9.44 -8.28
CA SER A 41 15.19 -9.19 -8.36
C SER A 41 14.40 -9.65 -7.12
N SER A 42 14.06 -8.69 -6.26
CA SER A 42 13.22 -8.94 -5.08
C SER A 42 11.86 -9.55 -5.42
N SER A 43 11.29 -9.14 -6.54
CA SER A 43 10.02 -9.71 -7.04
C SER A 43 10.11 -11.22 -7.34
N LEU A 44 11.33 -11.72 -7.56
CA LEU A 44 11.55 -13.16 -7.72
C LEU A 44 11.78 -13.84 -6.38
N LEU A 45 12.21 -13.06 -5.39
CA LEU A 45 12.56 -13.57 -4.07
C LEU A 45 11.38 -13.53 -3.07
N ILE A 46 10.57 -12.47 -3.13
CA ILE A 46 9.44 -12.30 -2.21
C ILE A 46 8.43 -13.48 -2.24
N PRO A 47 7.94 -13.89 -3.43
CA PRO A 47 6.95 -14.98 -3.46
C PRO A 47 7.34 -16.31 -2.80
N PRO A 48 8.52 -16.88 -3.13
CA PRO A 48 8.87 -18.11 -2.42
C PRO A 48 9.12 -17.93 -0.92
N LEU A 49 9.56 -16.73 -0.52
CA LEU A 49 9.67 -16.43 0.91
C LEU A 49 8.30 -16.44 1.60
N GLU A 50 7.29 -15.89 0.93
CA GLU A 50 5.93 -15.88 1.48
C GLU A 50 5.41 -17.30 1.63
N ALA A 51 5.61 -18.12 0.60
CA ALA A 51 5.28 -19.54 0.66
C ALA A 51 6.00 -20.23 1.82
N ALA A 52 7.29 -19.93 1.98
CA ALA A 52 8.10 -20.59 3.01
C ALA A 52 7.64 -20.22 4.42
N LEU A 53 7.33 -18.95 4.62
CA LEU A 53 6.88 -18.47 5.93
C LEU A 53 5.55 -19.11 6.29
N ALA A 54 4.63 -19.12 5.33
CA ALA A 54 3.32 -19.75 5.51
C ALA A 54 3.47 -21.24 5.81
N ASN A 55 4.33 -21.93 5.08
CA ASN A 55 4.52 -23.36 5.27
C ASN A 55 5.16 -23.67 6.61
N PHE A 56 6.16 -22.90 6.98
CA PHE A 56 6.79 -23.08 8.28
C PHE A 56 5.76 -22.95 9.40
N SER A 57 4.90 -21.93 9.30
CA SER A 57 3.91 -21.66 10.34
C SER A 57 2.79 -22.73 10.44
N LYS A 58 2.54 -23.45 9.35
CA LYS A 58 1.69 -24.64 9.40
C LYS A 58 2.29 -25.79 10.22
N GLY A 59 3.60 -25.73 10.46
CA GLY A 59 4.28 -26.74 11.28
C GLY A 59 4.12 -28.14 10.71
N PRO A 60 3.57 -29.07 11.51
CA PRO A 60 3.45 -30.47 11.06
C PRO A 60 2.58 -30.66 9.80
N ASP A 61 1.74 -29.68 9.47
CA ASP A 61 0.92 -29.72 8.26
C ASP A 61 1.56 -28.98 7.07
N GLY A 62 2.82 -28.57 7.19
CA GLY A 62 3.45 -27.66 6.22
C GLY A 62 4.72 -28.09 5.48
N GLY A 63 5.34 -29.19 5.91
CA GLY A 63 6.44 -29.80 5.15
C GLY A 63 7.84 -29.24 5.35
N VAL A 64 7.99 -28.32 6.31
CA VAL A 64 9.30 -27.75 6.62
C VAL A 64 9.90 -28.44 7.86
N MET A 65 11.15 -28.88 7.74
CA MET A 65 11.89 -29.45 8.84
C MET A 65 13.02 -28.48 9.18
N GLN A 66 12.86 -27.77 10.28
CA GLN A 66 13.81 -26.74 10.67
C GLN A 66 14.14 -26.89 12.16
N PRO A 67 15.14 -27.72 12.50
CA PRO A 67 15.51 -27.91 13.90
C PRO A 67 16.20 -26.69 14.52
N VAL A 68 16.27 -26.67 15.85
CA VAL A 68 16.85 -25.54 16.57
C VAL A 68 18.34 -25.42 16.19
N ARG A 69 18.82 -24.17 16.10
CA ARG A 69 20.21 -23.92 15.73
C ARG A 69 21.12 -24.51 16.79
N THR A 70 22.25 -25.07 16.36
CA THR A 70 23.27 -25.50 17.30
C THR A 70 24.43 -24.53 17.20
N VAL A 71 24.86 -24.01 18.35
CA VAL A 71 25.94 -23.04 18.44
C VAL A 71 27.08 -23.68 19.21
N VAL A 72 28.29 -23.60 18.65
CA VAL A 72 29.47 -24.15 19.31
C VAL A 72 30.45 -23.02 19.68
N PRO A 73 30.59 -22.74 20.99
CA PRO A 73 31.48 -21.67 21.46
C PRO A 73 32.96 -21.95 21.21
N VAL A 74 33.66 -20.99 20.61
CA VAL A 74 35.12 -21.03 20.52
C VAL A 74 35.62 -19.87 21.40
N ALA A 75 35.69 -20.16 22.69
CA ALA A 75 35.94 -19.17 23.74
C ALA A 75 37.32 -18.55 23.62
N LYS A 76 38.32 -19.38 23.32
CA LYS A 76 39.70 -18.92 23.21
C LYS A 76 39.91 -17.81 22.18
N HIS A 77 38.99 -17.67 21.23
CA HIS A 77 39.06 -16.64 20.18
C HIS A 77 37.84 -15.71 20.15
N ARG A 78 36.98 -15.80 21.16
CA ARG A 78 35.78 -14.95 21.29
C ARG A 78 34.84 -15.12 20.09
N GLY A 79 34.53 -16.37 19.75
CA GLY A 79 33.73 -16.67 18.56
C GLY A 79 32.66 -17.72 18.76
N PHE A 80 31.75 -17.78 17.78
CA PHE A 80 30.69 -18.77 17.76
C PHE A 80 30.58 -19.33 16.35
N LEU A 81 30.29 -20.63 16.24
CA LEU A 81 29.84 -21.22 14.99
C LEU A 81 28.40 -21.67 15.14
N GLY A 82 27.55 -21.18 14.24
CA GLY A 82 26.16 -21.59 14.20
C GLY A 82 25.87 -22.45 12.97
N VAL A 83 25.01 -23.44 13.14
CA VAL A 83 24.62 -24.33 12.07
C VAL A 83 23.11 -24.39 11.97
N MET A 84 22.58 -24.17 10.77
CA MET A 84 21.15 -24.04 10.56
C MET A 84 20.70 -24.86 9.35
N PRO A 85 20.50 -26.17 9.53
CA PRO A 85 19.98 -26.99 8.43
C PRO A 85 18.47 -26.87 8.28
N ALA A 86 17.99 -27.07 7.07
CA ALA A 86 16.56 -27.03 6.80
C ALA A 86 16.21 -27.85 5.55
N TYR A 87 15.03 -28.46 5.56
CA TYR A 87 14.49 -29.10 4.37
C TYR A 87 13.08 -28.62 4.09
N SER A 88 12.80 -28.26 2.84
CA SER A 88 11.45 -27.90 2.43
C SER A 88 10.90 -28.93 1.48
N ALA A 89 9.85 -29.63 1.92
CA ALA A 89 9.14 -30.57 1.06
C ALA A 89 8.51 -29.86 -0.13
N ALA A 90 7.95 -28.67 0.11
CA ALA A 90 7.22 -27.94 -0.93
C ALA A 90 8.09 -27.52 -2.11
N GLU A 91 9.31 -27.07 -1.83
CA GLU A 91 10.27 -26.72 -2.90
C GLU A 91 11.18 -27.89 -3.25
N ASP A 92 11.14 -28.93 -2.43
CA ASP A 92 12.10 -30.04 -2.48
C ASP A 92 13.53 -29.53 -2.52
N ALA A 93 13.97 -29.00 -1.39
CA ALA A 93 15.29 -28.41 -1.27
C ALA A 93 15.87 -28.66 0.11
N LEU A 94 17.15 -28.99 0.15
CA LEU A 94 17.86 -29.33 1.37
C LEU A 94 19.07 -28.41 1.46
N THR A 95 19.17 -27.64 2.55
CA THR A 95 20.31 -26.75 2.77
C THR A 95 20.90 -26.86 4.16
N THR A 96 22.07 -26.24 4.33
CA THR A 96 22.59 -25.91 5.64
C THR A 96 23.36 -24.62 5.55
N LYS A 97 23.00 -23.68 6.41
CA LYS A 97 23.73 -22.44 6.57
C LYS A 97 24.65 -22.62 7.77
N LEU A 98 25.93 -22.34 7.56
CA LEU A 98 26.90 -22.30 8.64
C LEU A 98 27.37 -20.86 8.79
N VAL A 99 27.22 -20.32 9.99
CA VAL A 99 27.53 -18.92 10.21
C VAL A 99 28.47 -18.80 11.39
N THR A 100 29.43 -17.90 11.27
CA THR A 100 30.34 -17.62 12.37
C THR A 100 30.15 -16.16 12.79
N PHE A 101 30.18 -15.92 14.10
CA PHE A 101 30.20 -14.57 14.65
C PHE A 101 31.36 -14.40 15.60
N TYR A 102 32.12 -13.33 15.40
CA TYR A 102 33.35 -13.05 16.12
C TYR A 102 33.37 -11.60 16.63
N GLU A 103 33.58 -11.44 17.94
CA GLU A 103 33.45 -10.14 18.61
C GLU A 103 34.51 -9.12 18.16
N PRO A 111 34.52 -9.68 7.63
CA PRO A 111 33.42 -9.12 8.42
C PRO A 111 33.16 -9.96 9.66
N SER A 112 32.55 -9.36 10.68
CA SER A 112 32.32 -10.04 11.96
C SER A 112 31.39 -11.25 11.81
N HIS A 113 30.36 -11.12 10.98
CA HIS A 113 29.49 -12.24 10.60
C HIS A 113 29.92 -12.77 9.24
N GLN A 114 30.24 -14.06 9.18
CA GLN A 114 30.58 -14.72 7.92
C GLN A 114 29.72 -15.97 7.77
N ALA A 115 29.05 -16.10 6.63
CA ALA A 115 28.12 -17.19 6.42
C ALA A 115 28.39 -17.91 5.12
N SER A 116 28.11 -19.20 5.11
CA SER A 116 28.17 -20.03 3.91
C SER A 116 26.91 -20.87 3.87
N VAL A 117 26.38 -21.09 2.67
CA VAL A 117 25.21 -21.92 2.51
C VAL A 117 25.58 -23.14 1.68
N LEU A 118 25.20 -24.31 2.19
CA LEU A 118 25.40 -25.56 1.46
C LEU A 118 24.08 -26.00 0.87
N LEU A 119 24.09 -26.37 -0.40
CA LEU A 119 22.89 -26.86 -1.08
C LEU A 119 23.11 -28.29 -1.55
N PHE A 120 22.24 -29.20 -1.10
CA PHE A 120 22.34 -30.62 -1.41
C PHE A 120 21.27 -31.03 -2.42
N ASP A 121 21.53 -32.10 -3.16
CA ASP A 121 20.51 -32.72 -4.00
C ASP A 121 19.66 -33.54 -3.05
N PRO A 122 18.38 -33.17 -2.89
CA PRO A 122 17.53 -33.86 -1.91
C PRO A 122 17.18 -35.30 -2.29
N SER A 123 17.34 -35.65 -3.56
CA SER A 123 17.01 -37.01 -4.01
C SER A 123 18.14 -38.03 -3.75
N ASN A 124 19.39 -37.59 -3.73
CA ASN A 124 20.50 -38.53 -3.44
C ASN A 124 21.58 -38.05 -2.47
N GLY A 125 21.36 -36.91 -1.80
CA GLY A 125 22.26 -36.45 -0.74
C GLY A 125 23.56 -35.80 -1.21
N SER A 126 23.76 -35.72 -2.51
CA SER A 126 24.98 -35.18 -3.09
C SER A 126 25.12 -33.69 -2.74
N LEU A 127 26.35 -33.23 -2.46
CA LEU A 127 26.59 -31.81 -2.19
C LEU A 127 26.75 -31.06 -3.49
N LEU A 128 25.75 -30.26 -3.83
CA LEU A 128 25.69 -29.60 -5.14
C LEU A 128 26.47 -28.29 -5.18
N ALA A 129 26.37 -27.50 -4.13
CA ALA A 129 26.99 -26.19 -4.11
C ALA A 129 27.38 -25.72 -2.71
N VAL A 130 28.48 -24.98 -2.65
CA VAL A 130 28.87 -24.22 -1.48
C VAL A 130 28.87 -22.78 -1.93
N MET A 131 28.01 -21.97 -1.33
CA MET A 131 27.92 -20.58 -1.75
C MET A 131 28.09 -19.65 -0.57
N ASP A 132 28.46 -18.41 -0.88
CA ASP A 132 28.50 -17.33 0.11
C ASP A 132 27.14 -17.20 0.77
N GLY A 133 27.13 -16.80 2.04
CA GLY A 133 25.89 -16.65 2.81
C GLY A 133 25.58 -15.25 3.28
N ASN A 134 26.56 -14.36 3.25
CA ASN A 134 26.36 -12.96 3.66
C ASN A 134 25.35 -12.22 2.80
N VAL A 135 25.48 -12.35 1.48
CA VAL A 135 24.59 -11.64 0.57
C VAL A 135 23.17 -12.16 0.72
N ILE A 136 23.03 -13.48 0.76
CA ILE A 136 21.73 -14.12 0.98
C ILE A 136 21.08 -13.57 2.26
N THR A 137 21.86 -13.46 3.33
CA THR A 137 21.36 -13.01 4.62
C THR A 137 20.86 -11.56 4.57
N ALA A 138 21.65 -10.69 3.94
CA ALA A 138 21.28 -9.29 3.77
C ALA A 138 19.97 -9.15 2.99
N LYS A 139 19.87 -9.88 1.88
CA LYS A 139 18.75 -9.76 0.96
C LYS A 139 17.48 -10.43 1.46
N ARG A 140 17.65 -11.58 2.10
CA ARG A 140 16.55 -12.39 2.60
C ARG A 140 15.90 -11.70 3.82
N THR A 141 16.71 -11.07 4.66
CA THR A 141 16.20 -10.35 5.83
C THR A 141 15.42 -9.09 5.41
N ALA A 142 16.01 -8.32 4.50
CA ALA A 142 15.34 -7.16 3.91
C ALA A 142 14.03 -7.55 3.24
N ALA A 143 14.01 -8.71 2.58
CA ALA A 143 12.82 -9.17 1.88
C ALA A 143 11.70 -9.61 2.85
N VAL A 144 12.06 -10.28 3.92
CA VAL A 144 11.07 -10.67 4.94
C VAL A 144 10.47 -9.42 5.59
N SER A 145 11.30 -8.40 5.81
CA SER A 145 10.83 -7.13 6.37
C SER A 145 9.85 -6.42 5.45
N ALA A 146 10.14 -6.41 4.16
CA ALA A 146 9.23 -5.83 3.16
C ALA A 146 7.88 -6.54 3.16
N ILE A 147 7.90 -7.87 3.23
CA ILE A 147 6.67 -8.67 3.25
C ILE A 147 5.84 -8.29 4.47
N ALA A 148 6.49 -8.21 5.63
CA ALA A 148 5.81 -7.83 6.86
C ALA A 148 5.24 -6.41 6.76
N THR A 149 5.97 -5.52 6.11
CA THR A 149 5.57 -4.11 6.01
C THR A 149 4.39 -3.93 5.05
N LYS A 150 4.39 -4.70 3.98
CA LYS A 150 3.27 -4.76 3.04
C LYS A 150 1.97 -5.10 3.75
N LEU A 151 2.07 -6.03 4.70
CA LEU A 151 0.92 -6.48 5.45
C LEU A 151 0.59 -5.61 6.67
N LEU A 152 1.60 -4.94 7.24
CA LEU A 152 1.41 -4.31 8.54
C LEU A 152 1.49 -2.77 8.58
N LYS A 153 2.00 -2.13 7.54
CA LYS A 153 2.12 -0.67 7.56
C LYS A 153 0.73 -0.01 7.66
N PRO A 154 0.63 1.15 8.35
CA PRO A 154 -0.67 1.79 8.49
C PRO A 154 -1.19 2.37 7.18
N PRO A 155 -2.49 2.71 7.13
CA PRO A 155 -2.99 3.55 6.05
C PRO A 155 -2.26 4.90 6.04
N GLY A 156 -1.95 5.41 4.86
CA GLY A 156 -1.23 6.68 4.74
C GLY A 156 0.20 6.61 5.24
N SER A 157 0.96 5.67 4.68
CA SER A 157 2.34 5.46 5.10
C SER A 157 3.27 6.26 4.23
N ASP A 158 3.61 7.46 4.69
CA ASP A 158 4.41 8.41 3.92
C ASP A 158 5.86 8.51 4.41
N VAL A 159 6.09 8.18 5.68
CA VAL A 159 7.40 8.37 6.28
C VAL A 159 8.02 7.03 6.69
N LEU A 160 9.24 6.81 6.19
CA LEU A 160 10.06 5.67 6.57
C LEU A 160 11.25 6.15 7.40
N CYS A 161 11.51 5.46 8.50
CA CYS A 161 12.64 5.76 9.39
C CYS A 161 13.54 4.53 9.58
N ILE A 162 14.84 4.70 9.33
CA ILE A 162 15.82 3.63 9.53
C ILE A 162 16.76 3.96 10.68
N LEU A 163 16.74 3.12 11.72
CA LEU A 163 17.71 3.18 12.80
C LEU A 163 18.82 2.18 12.51
N GLY A 164 20.04 2.69 12.36
CA GLY A 164 21.21 1.87 12.00
C GLY A 164 21.67 2.26 10.61
N ALA A 165 22.93 1.96 10.28
CA ALA A 165 23.54 2.40 9.02
C ALA A 165 24.48 1.39 8.34
N GLY A 166 24.44 0.14 8.79
CA GLY A 166 25.31 -0.91 8.24
C GLY A 166 24.70 -1.66 7.07
N VAL A 167 25.15 -2.90 6.90
CA VAL A 167 24.77 -3.76 5.76
C VAL A 167 23.25 -3.93 5.63
N GLN A 168 22.59 -4.16 6.76
CA GLN A 168 21.14 -4.38 6.78
C GLN A 168 20.36 -3.11 6.46
N ALA A 169 20.88 -1.95 6.85
CA ALA A 169 20.26 -0.67 6.50
C ALA A 169 20.28 -0.46 4.99
N TYR A 170 21.40 -0.81 4.35
CA TYR A 170 21.51 -0.71 2.89
C TYR A 170 20.53 -1.65 2.18
N SER A 171 20.54 -2.93 2.54
CA SER A 171 19.68 -3.91 1.85
C SER A 171 18.19 -3.60 2.07
N HIS A 172 17.80 -3.23 3.29
CA HIS A 172 16.43 -2.75 3.55
C HIS A 172 16.09 -1.49 2.74
N TYR A 173 17.00 -0.52 2.70
CA TYR A 173 16.75 0.71 1.94
C TYR A 173 16.50 0.41 0.48
N GLU A 174 17.30 -0.49 -0.07
CA GLU A 174 17.21 -0.93 -1.45
C GLU A 174 15.80 -1.46 -1.80
N ILE A 175 15.36 -2.49 -1.09
CA ILE A 175 14.08 -3.14 -1.37
C ILE A 175 12.87 -2.29 -0.99
N PHE A 176 12.98 -1.51 0.09
CA PHE A 176 11.87 -0.68 0.53
C PHE A 176 11.54 0.45 -0.46
N THR A 177 12.56 1.16 -0.93
CA THR A 177 12.34 2.29 -1.85
C THR A 177 11.89 1.84 -3.23
N GLU A 178 12.09 0.56 -3.54
CA GLU A 178 11.59 0.00 -4.79
C GLU A 178 10.18 -0.62 -4.64
N GLN A 179 9.89 -1.24 -3.49
CA GLN A 179 8.59 -1.89 -3.26
C GLN A 179 7.52 -0.90 -2.82
N PHE A 180 7.92 0.10 -2.05
CA PHE A 180 6.98 1.09 -1.52
C PHE A 180 7.34 2.47 -2.03
N SER A 181 6.37 3.38 -1.93
CA SER A 181 6.54 4.77 -2.31
C SER A 181 6.46 5.63 -1.04
N PHE A 182 7.63 6.02 -0.53
CA PHE A 182 7.71 6.86 0.66
C PHE A 182 7.97 8.31 0.28
N LYS A 183 7.30 9.23 0.95
CA LYS A 183 7.49 10.67 0.71
C LYS A 183 8.81 11.14 1.30
N GLU A 184 9.18 10.57 2.43
CA GLU A 184 10.39 10.97 3.16
C GLU A 184 11.05 9.75 3.81
N VAL A 185 12.36 9.61 3.61
CA VAL A 185 13.14 8.57 4.26
C VAL A 185 14.10 9.23 5.26
N ARG A 186 14.02 8.83 6.52
CA ARG A 186 14.87 9.36 7.58
C ARG A 186 15.84 8.31 8.14
N MET A 187 16.94 8.78 8.73
CA MET A 187 17.92 7.88 9.33
C MET A 187 18.58 8.47 10.57
N TRP A 188 18.71 7.63 11.59
CA TRP A 188 19.57 7.89 12.73
C TRP A 188 20.56 6.77 12.84
N ASN A 189 21.79 7.12 13.20
CA ASN A 189 22.79 6.13 13.59
C ASN A 189 23.52 6.61 14.85
N ARG A 190 23.86 5.63 15.70
CA ARG A 190 24.70 5.82 16.89
C ARG A 190 25.89 6.77 16.66
N THR A 191 26.51 6.65 15.49
CA THR A 191 27.54 7.60 15.05
C THR A 191 27.07 8.31 13.78
N ARG A 192 26.84 9.61 13.88
CA ARG A 192 26.20 10.39 12.82
C ARG A 192 26.94 10.36 11.49
N GLU A 193 28.28 10.40 11.56
CA GLU A 193 29.12 10.37 10.36
C GLU A 193 28.75 9.21 9.42
N ASN A 194 28.40 8.05 9.97
CA ASN A 194 28.06 6.86 9.17
C ASN A 194 26.68 6.95 8.51
N ALA A 195 25.75 7.64 9.17
CA ALA A 195 24.44 7.91 8.59
C ALA A 195 24.58 8.92 7.46
N GLU A 196 25.48 9.88 7.64
CA GLU A 196 25.76 10.88 6.61
C GLU A 196 26.43 10.24 5.39
N LYS A 197 27.36 9.33 5.61
CA LYS A 197 27.98 8.56 4.52
C LYS A 197 26.92 7.77 3.76
N PHE A 198 26.07 7.06 4.51
CA PHE A 198 24.95 6.30 3.96
C PHE A 198 24.09 7.19 3.06
N ALA A 199 23.69 8.34 3.59
CA ALA A 199 22.85 9.31 2.88
C ALA A 199 23.41 9.78 1.54
N SER A 200 24.72 10.05 1.48
CA SER A 200 25.34 10.53 0.24
C SER A 200 25.57 9.40 -0.77
N THR A 201 25.88 8.21 -0.28
CA THR A 201 26.11 7.04 -1.12
C THR A 201 24.84 6.62 -1.86
N VAL A 202 23.73 6.65 -1.14
CA VAL A 202 22.48 6.07 -1.62
C VAL A 202 21.78 7.05 -2.57
N GLN A 203 20.93 6.51 -3.46
CA GLN A 203 20.34 7.29 -4.58
C GLN A 203 19.39 8.43 -4.19
N GLY A 204 18.30 8.09 -3.49
CA GLY A 204 17.30 9.08 -3.11
C GLY A 204 17.76 10.01 -2.00
N ASP A 205 16.91 10.95 -1.62
CA ASP A 205 17.17 11.82 -0.48
C ASP A 205 16.90 11.09 0.81
N VAL A 206 17.78 11.25 1.79
CA VAL A 206 17.52 10.74 3.14
C VAL A 206 17.95 11.78 4.19
N ARG A 207 17.02 12.06 5.09
CA ARG A 207 17.20 13.06 6.13
C ARG A 207 17.88 12.43 7.34
N VAL A 208 19.09 12.90 7.64
CA VAL A 208 19.83 12.40 8.79
C VAL A 208 19.36 13.16 10.03
N CYS A 209 19.06 12.41 11.09
CA CYS A 209 18.47 12.97 12.29
C CYS A 209 19.43 12.90 13.49
N SER A 210 19.22 13.81 14.43
CA SER A 210 20.11 13.99 15.57
C SER A 210 19.89 12.91 16.64
N SER A 211 18.68 12.35 16.69
CA SER A 211 18.33 11.35 17.70
C SER A 211 17.32 10.33 17.18
N VAL A 212 17.18 9.22 17.89
CA VAL A 212 16.15 8.23 17.61
C VAL A 212 14.80 8.95 17.63
N GLN A 213 14.58 9.70 18.70
CA GLN A 213 13.35 10.49 18.87
C GLN A 213 12.98 11.31 17.64
N GLU A 214 13.90 12.15 17.16
CA GLU A 214 13.59 12.98 15.98
C GLU A 214 13.26 12.07 14.79
N ALA A 215 14.05 11.02 14.61
CA ALA A 215 13.88 10.12 13.48
C ALA A 215 12.51 9.43 13.45
N VAL A 216 12.05 8.93 14.60
CA VAL A 216 10.80 8.15 14.64
C VAL A 216 9.50 8.96 14.82
N THR A 217 9.58 10.20 15.29
CA THR A 217 8.37 11.00 15.52
C THR A 217 7.69 11.38 14.19
N GLY A 218 6.46 10.92 14.00
CA GLY A 218 5.77 11.09 12.72
C GLY A 218 6.09 10.01 11.69
N ALA A 219 6.90 9.01 12.06
CA ALA A 219 7.22 7.92 11.15
C ALA A 219 6.12 6.86 11.10
N ASP A 220 5.81 6.41 9.88
CA ASP A 220 4.79 5.37 9.66
C ASP A 220 5.40 3.98 9.66
N VAL A 221 6.58 3.85 9.07
CA VAL A 221 7.30 2.58 9.06
C VAL A 221 8.70 2.82 9.64
N ILE A 222 9.11 1.96 10.58
CA ILE A 222 10.42 2.07 11.22
C ILE A 222 11.18 0.75 11.05
N ILE A 223 12.47 0.86 10.72
CA ILE A 223 13.34 -0.29 10.62
C ILE A 223 14.49 -0.14 11.63
N THR A 224 14.56 -1.05 12.59
CA THR A 224 15.65 -1.02 13.58
C THR A 224 16.66 -2.13 13.28
N VAL A 225 17.78 -1.72 12.69
CA VAL A 225 18.87 -2.60 12.26
C VAL A 225 20.14 -2.19 12.98
N THR A 226 20.10 -2.30 14.30
CA THR A 226 21.05 -1.65 15.19
C THR A 226 21.77 -2.68 16.08
N MET A 227 22.90 -2.27 16.66
CA MET A 227 23.63 -3.12 17.62
C MET A 227 23.62 -2.47 19.00
N ALA A 228 22.46 -1.96 19.37
CA ALA A 228 22.21 -1.44 20.70
C ALA A 228 21.82 -2.67 21.49
N THR A 229 22.22 -2.69 22.76
CA THR A 229 21.89 -3.79 23.65
C THR A 229 20.88 -3.36 24.72
N GLU A 230 20.63 -2.05 24.82
CA GLU A 230 19.61 -1.51 25.71
C GLU A 230 18.64 -0.63 24.90
N PRO A 231 17.39 -0.52 25.35
CA PRO A 231 16.36 0.17 24.56
C PRO A 231 16.79 1.55 24.05
N ILE A 232 16.60 1.74 22.74
CA ILE A 232 16.81 3.03 22.09
C ILE A 232 15.51 3.60 21.53
N LEU A 233 14.56 2.71 21.22
CA LEU A 233 13.26 3.11 20.67
C LEU A 233 12.19 2.98 21.73
N PHE A 234 11.60 4.11 22.13
CA PHE A 234 10.60 4.15 23.21
C PHE A 234 9.20 4.36 22.67
N GLY A 235 8.26 3.56 23.17
CA GLY A 235 6.86 3.57 22.71
C GLY A 235 6.18 4.93 22.74
N GLU A 236 6.58 5.79 23.68
CA GLU A 236 6.03 7.13 23.81
C GLU A 236 6.27 8.02 22.59
N TRP A 237 7.29 7.72 21.79
CA TRP A 237 7.57 8.48 20.57
C TRP A 237 6.86 7.93 19.34
N VAL A 238 6.34 6.71 19.42
CA VAL A 238 5.81 6.02 18.24
C VAL A 238 4.42 6.52 17.83
N LYS A 239 4.28 6.90 16.57
CA LYS A 239 2.99 7.29 16.02
C LYS A 239 2.02 6.12 16.13
N PRO A 240 0.80 6.36 16.63
CA PRO A 240 -0.15 5.26 16.72
C PRO A 240 -0.43 4.68 15.33
N GLY A 241 -0.35 3.36 15.20
CA GLY A 241 -0.53 2.71 13.91
C GLY A 241 0.76 2.42 13.16
N ALA A 242 1.87 2.98 13.60
CA ALA A 242 3.13 2.74 12.93
C ALA A 242 3.52 1.27 12.95
N HIS A 243 4.29 0.85 11.96
CA HIS A 243 4.84 -0.51 11.92
C HIS A 243 6.34 -0.47 12.12
N ILE A 244 6.82 -1.34 13.01
CA ILE A 244 8.25 -1.46 13.29
C ILE A 244 8.73 -2.85 12.91
N ASN A 245 9.71 -2.91 12.02
CA ASN A 245 10.46 -4.13 11.78
C ASN A 245 11.69 -4.12 12.67
N ALA A 246 11.65 -4.92 13.72
CA ALA A 246 12.74 -4.98 14.69
C ALA A 246 13.66 -6.12 14.28
N VAL A 247 14.83 -5.76 13.75
CA VAL A 247 15.73 -6.74 13.16
C VAL A 247 16.98 -7.03 14.00
N GLY A 248 17.46 -6.04 14.75
CA GLY A 248 18.66 -6.22 15.58
C GLY A 248 18.40 -6.86 16.93
N ALA A 249 19.45 -6.95 17.75
CA ALA A 249 19.37 -7.48 19.12
C ALA A 249 18.90 -8.93 19.16
N SER A 250 19.66 -9.80 18.51
CA SER A 250 19.31 -11.22 18.41
C SER A 250 19.90 -12.07 19.54
N ARG A 251 20.00 -11.49 20.74
CA ARG A 251 20.38 -12.24 21.94
C ARG A 251 19.37 -11.98 23.08
N PRO A 252 19.12 -12.99 23.95
CA PRO A 252 18.14 -12.91 25.05
C PRO A 252 18.37 -11.80 26.08
N ASP A 253 19.60 -11.29 26.16
CA ASP A 253 19.94 -10.21 27.09
C ASP A 253 19.92 -8.83 26.42
N TRP A 254 19.94 -8.80 25.08
CA TRP A 254 19.97 -7.55 24.32
C TRP A 254 18.58 -7.08 23.86
N ARG A 255 18.31 -5.79 23.99
CA ARG A 255 17.05 -5.18 23.55
C ARG A 255 17.28 -3.92 22.72
N GLU A 256 16.39 -3.70 21.75
CA GLU A 256 16.30 -2.44 21.00
C GLU A 256 15.10 -1.59 21.42
N LEU A 257 14.04 -2.23 21.89
CA LEU A 257 12.75 -1.57 22.12
C LEU A 257 12.34 -1.61 23.60
N ASP A 258 11.64 -0.56 24.06
CA ASP A 258 11.21 -0.45 25.46
C ASP A 258 9.95 -1.27 25.76
N ASP A 259 9.56 -1.28 27.04
CA ASP A 259 8.43 -2.09 27.49
C ASP A 259 7.09 -1.59 26.95
N GLU A 260 6.90 -0.27 26.95
CA GLU A 260 5.67 0.33 26.47
C GLU A 260 5.39 -0.08 25.02
N LEU A 261 6.41 0.00 24.17
CA LEU A 261 6.28 -0.37 22.75
C LEU A 261 5.98 -1.85 22.56
N MET A 262 6.75 -2.71 23.23
CA MET A 262 6.58 -4.16 23.10
C MET A 262 5.27 -4.66 23.67
N ARG A 263 4.77 -4.00 24.72
CA ARG A 263 3.55 -4.45 25.38
C ARG A 263 2.28 -3.86 24.73
N GLN A 264 2.36 -2.65 24.20
CA GLN A 264 1.18 -1.99 23.61
C GLN A 264 0.97 -2.29 22.12
N ALA A 265 2.03 -2.72 21.44
CA ALA A 265 1.93 -3.07 20.02
C ALA A 265 1.37 -4.46 19.85
N VAL A 266 0.81 -4.74 18.68
CA VAL A 266 0.50 -6.11 18.30
C VAL A 266 1.82 -6.68 17.77
N LEU A 267 2.26 -7.78 18.37
CA LEU A 267 3.59 -8.33 18.13
C LEU A 267 3.55 -9.50 17.17
N TYR A 268 4.19 -9.32 16.01
CA TYR A 268 4.37 -10.41 15.05
C TYR A 268 5.83 -10.86 15.07
N VAL A 269 6.06 -12.13 14.78
CA VAL A 269 7.41 -12.71 14.70
C VAL A 269 7.48 -13.65 13.51
N ASP A 270 8.68 -14.14 13.21
CA ASP A 270 8.82 -15.18 12.18
C ASP A 270 8.67 -16.57 12.79
N SER A 271 9.28 -16.78 13.96
CA SER A 271 9.14 -18.03 14.71
C SER A 271 8.90 -17.73 16.19
N ARG A 272 7.81 -18.25 16.72
CA ARG A 272 7.48 -18.11 18.14
C ARG A 272 8.52 -18.80 19.04
N GLU A 273 8.92 -20.01 18.65
CA GLU A 273 9.93 -20.79 19.39
C GLU A 273 11.25 -20.01 19.48
N ALA A 274 11.74 -19.57 18.32
CA ALA A 274 13.00 -18.82 18.25
C ALA A 274 12.93 -17.50 19.02
N ALA A 275 11.81 -16.79 18.92
CA ALA A 275 11.63 -15.51 19.62
C ALA A 275 11.66 -15.67 21.12
N LEU A 276 11.02 -16.71 21.63
CA LEU A 276 10.97 -16.95 23.08
C LEU A 276 12.27 -17.54 23.64
N LYS A 277 13.22 -17.85 22.75
CA LYS A 277 14.54 -18.35 23.16
C LYS A 277 15.66 -17.34 22.91
N GLU A 278 15.51 -16.51 21.87
CA GLU A 278 16.61 -15.68 21.37
C GLU A 278 16.37 -14.17 21.44
N SER A 279 15.11 -13.73 21.45
CA SER A 279 14.78 -12.29 21.45
C SER A 279 14.62 -11.71 22.85
N GLY A 280 15.53 -10.82 23.21
CA GLY A 280 15.47 -10.12 24.50
C GLY A 280 14.34 -9.11 24.59
N ASP A 281 13.99 -8.50 23.47
CA ASP A 281 12.85 -7.57 23.42
C ASP A 281 11.56 -8.28 23.83
N VAL A 282 11.42 -9.53 23.39
CA VAL A 282 10.26 -10.34 23.70
C VAL A 282 10.34 -10.80 25.15
N LEU A 283 11.47 -11.43 25.49
CA LEU A 283 11.64 -12.11 26.77
C LEU A 283 11.67 -11.19 27.99
N LEU A 284 12.37 -10.07 27.88
CA LEU A 284 12.49 -9.14 29.01
C LEU A 284 11.24 -8.29 29.22
N SER A 285 10.50 -8.01 28.15
CA SER A 285 9.27 -7.24 28.25
C SER A 285 8.11 -8.10 28.75
N GLY A 286 8.18 -9.41 28.52
CA GLY A 286 7.09 -10.32 28.84
C GLY A 286 5.94 -10.23 27.85
N ALA A 287 6.21 -9.64 26.68
CA ALA A 287 5.15 -9.35 25.70
C ALA A 287 4.52 -10.61 25.12
N ASP A 288 3.24 -10.46 24.80
CA ASP A 288 2.44 -11.52 24.20
C ASP A 288 2.68 -11.53 22.70
N ILE A 289 2.92 -12.70 22.13
CA ILE A 289 3.04 -12.85 20.68
C ILE A 289 1.64 -13.10 20.11
N PHE A 290 1.19 -12.22 19.23
CA PHE A 290 -0.11 -12.36 18.58
C PHE A 290 -0.05 -13.45 17.54
N ALA A 291 0.94 -13.37 16.64
CA ALA A 291 1.00 -14.28 15.50
C ALA A 291 2.41 -14.43 14.91
N GLU A 292 2.57 -15.47 14.10
CA GLU A 292 3.70 -15.57 13.20
C GLU A 292 3.30 -14.99 11.86
N LEU A 293 4.25 -14.34 11.21
CA LEU A 293 4.03 -13.73 9.90
C LEU A 293 3.47 -14.73 8.89
N GLY A 294 3.89 -15.99 9.01
CA GLY A 294 3.37 -17.07 8.15
C GLY A 294 1.90 -17.35 8.37
N GLU A 295 1.43 -17.21 9.60
CA GLU A 295 -0.01 -17.35 9.90
C GLU A 295 -0.85 -16.21 9.28
N VAL A 296 -0.24 -15.05 9.11
CA VAL A 296 -0.92 -13.91 8.50
C VAL A 296 -0.99 -14.08 6.98
N ILE A 297 0.09 -14.56 6.39
CA ILE A 297 0.15 -14.85 4.96
C ILE A 297 -0.87 -15.93 4.56
N SER A 298 -1.07 -16.93 5.42
N SER A 298 -1.05 -16.94 5.42
CA SER A 298 -1.96 -18.05 5.12
CA SER A 298 -1.98 -18.05 5.16
C SER A 298 -3.44 -17.75 5.44
C SER A 298 -3.44 -17.65 5.30
N GLY A 299 -3.71 -16.62 6.10
CA GLY A 299 -5.08 -16.22 6.42
C GLY A 299 -5.55 -16.73 7.77
N ALA A 300 -4.68 -17.46 8.48
CA ALA A 300 -5.04 -18.02 9.78
C ALA A 300 -5.06 -16.96 10.88
N LYS A 301 -4.37 -15.85 10.65
CA LYS A 301 -4.30 -14.78 11.63
C LYS A 301 -4.39 -13.41 10.94
N PRO A 302 -5.08 -12.45 11.55
CA PRO A 302 -5.29 -11.17 10.87
C PRO A 302 -4.10 -10.20 10.90
N ALA A 303 -4.06 -9.36 9.87
CA ALA A 303 -3.06 -8.31 9.75
C ALA A 303 -3.61 -7.01 10.31
N HIS A 304 -3.28 -6.70 11.58
CA HIS A 304 -3.83 -5.52 12.24
C HIS A 304 -3.02 -4.26 11.94
N CYS A 305 -3.02 -3.87 10.66
CA CYS A 305 -2.20 -2.79 10.18
C CYS A 305 -2.59 -1.41 10.73
N GLU A 306 -3.83 -1.27 11.22
CA GLU A 306 -4.32 -0.02 11.82
C GLU A 306 -3.71 0.28 13.20
N LYS A 307 -3.31 -0.76 13.92
CA LYS A 307 -2.73 -0.58 15.25
C LYS A 307 -1.21 -0.56 15.14
N THR A 308 -0.56 -0.06 16.18
CA THR A 308 0.89 -0.06 16.23
C THR A 308 1.33 -1.51 16.22
N THR A 309 2.26 -1.84 15.33
CA THR A 309 2.74 -3.22 15.19
C THR A 309 4.27 -3.31 15.25
N VAL A 310 4.76 -4.40 15.82
CA VAL A 310 6.17 -4.74 15.80
C VAL A 310 6.29 -6.10 15.12
N PHE A 311 7.14 -6.18 14.09
CA PHE A 311 7.58 -7.46 13.57
C PHE A 311 9.02 -7.71 14.05
N LYS A 312 9.18 -8.77 14.85
CA LYS A 312 10.47 -9.12 15.41
C LYS A 312 11.06 -10.24 14.57
N SER A 313 12.11 -9.91 13.85
CA SER A 313 12.78 -10.83 12.95
C SER A 313 14.04 -11.40 13.61
N LEU A 314 14.13 -12.73 13.67
CA LEU A 314 15.36 -13.40 14.08
C LEU A 314 16.09 -14.03 12.90
N GLY A 315 15.34 -14.47 11.89
CA GLY A 315 15.91 -15.17 10.75
C GLY A 315 15.68 -16.67 10.90
N MET A 316 15.50 -17.35 9.79
CA MET A 316 15.18 -18.77 9.79
C MET A 316 15.90 -19.45 8.64
N ALA A 317 16.41 -20.65 8.90
CA ALA A 317 17.10 -21.46 7.90
C ALA A 317 16.32 -21.64 6.58
N VAL A 318 15.00 -21.74 6.66
CA VAL A 318 14.18 -21.95 5.47
C VAL A 318 14.18 -20.71 4.55
N GLU A 319 14.34 -19.54 5.13
CA GLU A 319 14.46 -18.31 4.35
C GLU A 319 15.75 -18.35 3.53
N ASP A 320 16.84 -18.75 4.20
CA ASP A 320 18.13 -18.94 3.53
C ASP A 320 18.04 -20.04 2.46
N LEU A 321 17.35 -21.13 2.78
CA LEU A 321 17.09 -22.21 1.82
C LEU A 321 16.43 -21.68 0.55
N VAL A 322 15.41 -20.86 0.71
CA VAL A 322 14.67 -20.29 -0.42
C VAL A 322 15.57 -19.46 -1.35
N ALA A 323 16.34 -18.56 -0.78
CA ALA A 323 17.24 -17.72 -1.57
C ALA A 323 18.36 -18.56 -2.23
N ALA A 324 18.95 -19.47 -1.46
CA ALA A 324 20.00 -20.35 -1.98
C ALA A 324 19.52 -21.23 -3.14
N LYS A 325 18.34 -21.82 -3.00
CA LYS A 325 17.73 -22.57 -4.09
C LYS A 325 17.56 -21.68 -5.32
N LEU A 326 17.07 -20.47 -5.10
CA LEU A 326 16.85 -19.49 -6.17
C LEU A 326 18.17 -19.10 -6.86
N VAL A 327 19.24 -18.98 -6.08
CA VAL A 327 20.56 -18.66 -6.65
C VAL A 327 21.08 -19.83 -7.50
N TYR A 328 21.03 -21.04 -6.96
CA TYR A 328 21.53 -22.22 -7.66
C TYR A 328 20.78 -22.52 -8.95
N ASP A 329 19.44 -22.48 -8.91
CA ASP A 329 18.64 -22.76 -10.11
C ASP A 329 18.93 -21.75 -11.20
N SER A 330 19.10 -20.48 -10.81
CA SER A 330 19.48 -19.42 -11.75
C SER A 330 20.89 -19.62 -12.31
N TRP A 331 21.87 -19.79 -11.41
CA TRP A 331 23.26 -19.97 -11.82
C TRP A 331 23.42 -21.16 -12.78
N SER A 332 22.86 -22.31 -12.40
CA SER A 332 23.11 -23.57 -13.11
C SER A 332 22.42 -23.65 -14.48
N SER A 333 21.41 -22.82 -14.70
CA SER A 333 20.71 -22.75 -15.97
C SER A 333 21.16 -21.50 -16.74
N GLY A 334 20.51 -20.37 -16.48
CA GLY A 334 20.79 -19.12 -17.18
C GLY A 334 22.11 -18.50 -16.74
N ARG B 25 -10.51 40.80 -22.76
CA ARG B 25 -11.88 40.62 -22.19
C ARG B 25 -12.55 39.30 -22.57
N ALA B 26 -12.38 38.85 -23.82
CA ALA B 26 -12.95 37.57 -24.25
C ALA B 26 -12.27 36.40 -23.51
N PRO B 27 -13.07 35.42 -23.03
CA PRO B 27 -12.44 34.31 -22.32
C PRO B 27 -11.73 33.35 -23.27
N ALA B 28 -10.82 32.54 -22.72
CA ALA B 28 -10.23 31.44 -23.46
C ALA B 28 -11.25 30.31 -23.52
N PHE B 29 -11.25 29.55 -24.63
N PHE B 29 -11.35 29.63 -24.67
CA PHE B 29 -12.12 28.39 -24.78
CA PHE B 29 -12.08 28.37 -24.73
C PHE B 29 -11.26 27.14 -24.98
C PHE B 29 -11.10 27.24 -24.85
N LEU B 30 -11.28 26.23 -24.00
CA LEU B 30 -10.43 25.05 -24.00
C LEU B 30 -11.31 23.84 -24.31
N SER B 31 -11.06 23.20 -25.45
CA SER B 31 -11.80 22.01 -25.85
C SER B 31 -11.36 20.79 -25.02
N ALA B 32 -12.14 19.71 -25.12
CA ALA B 32 -11.85 18.46 -24.43
C ALA B 32 -10.39 18.01 -24.66
N GLU B 33 -9.93 18.07 -25.91
CA GLU B 33 -8.57 17.66 -26.21
C GLU B 33 -7.50 18.57 -25.58
N GLU B 34 -7.74 19.87 -25.52
CA GLU B 34 -6.82 20.80 -24.84
C GLU B 34 -6.78 20.54 -23.33
N VAL B 35 -7.93 20.24 -22.74
CA VAL B 35 -7.98 19.90 -21.32
C VAL B 35 -7.15 18.64 -21.07
N GLN B 36 -7.39 17.62 -21.89
CA GLN B 36 -6.65 16.36 -21.80
C GLN B 36 -5.14 16.59 -21.94
N ASP B 37 -4.76 17.47 -22.85
CA ASP B 37 -3.36 17.82 -23.07
C ASP B 37 -2.71 18.48 -21.86
N HIS B 38 -3.49 19.08 -20.97
CA HIS B 38 -2.97 19.79 -19.81
C HIS B 38 -3.32 19.09 -18.48
N LEU B 39 -3.74 17.83 -18.57
CA LEU B 39 -4.07 17.01 -17.41
C LEU B 39 -3.50 15.63 -17.62
N ARG B 40 -2.22 15.54 -17.89
CA ARG B 40 -1.60 14.26 -18.24
C ARG B 40 -1.11 13.48 -17.04
N SER B 41 -0.78 14.19 -15.96
CA SER B 41 -0.16 13.55 -14.82
C SER B 41 -1.05 13.65 -13.58
N SER B 42 -1.46 12.50 -13.08
CA SER B 42 -2.30 12.41 -11.89
C SER B 42 -1.57 12.76 -10.60
N SER B 43 -0.25 12.67 -10.60
CA SER B 43 0.52 13.00 -9.39
C SER B 43 0.65 14.51 -9.14
N LEU B 44 0.24 15.32 -10.13
CA LEU B 44 0.05 16.76 -9.94
C LEU B 44 -1.40 17.06 -9.50
N LEU B 45 -2.35 16.21 -9.89
CA LEU B 45 -3.76 16.39 -9.53
C LEU B 45 -4.13 15.91 -8.11
N ILE B 46 -3.50 14.83 -7.65
CA ILE B 46 -3.88 14.22 -6.38
C ILE B 46 -3.62 15.11 -5.15
N PRO B 47 -2.45 15.77 -5.06
CA PRO B 47 -2.21 16.55 -3.83
C PRO B 47 -3.17 17.74 -3.57
N PRO B 48 -3.52 18.51 -4.62
CA PRO B 48 -4.52 19.57 -4.38
C PRO B 48 -5.96 19.07 -4.14
N LEU B 49 -6.32 17.90 -4.66
CA LEU B 49 -7.61 17.29 -4.34
C LEU B 49 -7.64 16.91 -2.85
N GLU B 50 -6.58 16.26 -2.38
CA GLU B 50 -6.45 15.93 -0.96
C GLU B 50 -6.64 17.15 -0.06
N ALA B 51 -5.95 18.24 -0.38
CA ALA B 51 -6.11 19.50 0.37
C ALA B 51 -7.54 20.04 0.28
N ALA B 52 -8.11 20.02 -0.93
CA ALA B 52 -9.49 20.48 -1.11
C ALA B 52 -10.48 19.63 -0.30
N LEU B 53 -10.29 18.32 -0.31
CA LEU B 53 -11.16 17.41 0.44
C LEU B 53 -11.09 17.68 1.95
N ALA B 54 -9.88 17.83 2.46
CA ALA B 54 -9.68 18.14 3.86
C ALA B 54 -10.21 19.53 4.21
N ASN B 55 -9.92 20.53 3.38
CA ASN B 55 -10.45 21.88 3.61
C ASN B 55 -11.99 21.94 3.54
N PHE B 56 -12.61 21.19 2.64
CA PHE B 56 -14.07 21.14 2.61
C PHE B 56 -14.66 20.52 3.88
N SER B 57 -14.02 19.46 4.37
CA SER B 57 -14.53 18.75 5.55
C SER B 57 -14.22 19.46 6.88
N LYS B 58 -13.33 20.46 6.86
CA LYS B 58 -13.04 21.27 8.05
C LYS B 58 -14.15 22.28 8.37
N GLY B 59 -15.06 22.51 7.43
CA GLY B 59 -16.11 23.53 7.60
C GLY B 59 -15.61 24.92 7.27
N PRO B 60 -16.31 25.96 7.74
CA PRO B 60 -16.01 27.37 7.44
C PRO B 60 -14.54 27.80 7.57
N ASP B 61 -13.81 27.25 8.52
CA ASP B 61 -12.39 27.59 8.69
C ASP B 61 -11.52 27.05 7.54
N GLY B 62 -12.05 26.07 6.80
CA GLY B 62 -11.37 25.53 5.62
C GLY B 62 -11.43 26.42 4.38
N GLY B 63 -12.30 27.44 4.41
CA GLY B 63 -12.34 28.48 3.37
C GLY B 63 -13.11 28.14 2.09
N VAL B 64 -13.79 26.99 2.09
CA VAL B 64 -14.49 26.51 0.90
C VAL B 64 -15.94 26.96 0.92
N MET B 65 -16.31 27.76 -0.08
CA MET B 65 -17.69 28.17 -0.27
C MET B 65 -18.29 27.30 -1.38
N GLN B 66 -19.18 26.38 -1.00
CA GLN B 66 -19.76 25.44 -1.93
C GLN B 66 -21.26 25.32 -1.67
N PRO B 67 -22.06 26.18 -2.32
CA PRO B 67 -23.51 26.09 -2.12
C PRO B 67 -24.08 24.80 -2.67
N VAL B 68 -25.25 24.43 -2.17
CA VAL B 68 -25.96 23.24 -2.64
C VAL B 68 -26.24 23.47 -4.12
N ARG B 69 -26.01 22.46 -4.95
CA ARG B 69 -26.21 22.61 -6.40
C ARG B 69 -27.64 22.99 -6.76
N THR B 70 -27.78 23.77 -7.82
CA THR B 70 -29.06 24.21 -8.33
C THR B 70 -29.41 23.40 -9.57
N VAL B 71 -30.58 22.76 -9.54
CA VAL B 71 -31.03 21.91 -10.63
C VAL B 71 -32.26 22.54 -11.27
N VAL B 72 -32.24 22.68 -12.60
CA VAL B 72 -33.37 23.17 -13.36
C VAL B 72 -33.86 22.07 -14.30
N PRO B 73 -35.06 21.51 -14.05
CA PRO B 73 -35.55 20.50 -14.99
C PRO B 73 -36.05 21.15 -16.27
N VAL B 74 -35.83 20.47 -17.39
CA VAL B 74 -36.42 20.87 -18.67
C VAL B 74 -37.23 19.65 -19.11
N ALA B 75 -38.41 19.52 -18.52
CA ALA B 75 -39.26 18.33 -18.65
C ALA B 75 -39.71 18.09 -20.08
N LYS B 76 -39.98 19.17 -20.80
CA LYS B 76 -40.31 19.10 -22.21
C LYS B 76 -39.37 18.20 -23.04
N HIS B 77 -38.08 18.15 -22.66
CA HIS B 77 -37.10 17.32 -23.37
C HIS B 77 -36.48 16.28 -22.46
N ARG B 78 -37.23 15.90 -21.41
CA ARG B 78 -36.72 15.04 -20.33
C ARG B 78 -35.22 15.24 -20.09
N GLY B 79 -34.88 16.40 -19.53
CA GLY B 79 -33.50 16.74 -19.20
C GLY B 79 -33.44 17.64 -17.98
N PHE B 80 -32.22 17.93 -17.55
CA PHE B 80 -31.98 18.78 -16.39
C PHE B 80 -30.71 19.61 -16.62
N LEU B 81 -30.69 20.84 -16.11
CA LEU B 81 -29.46 21.63 -16.04
C LEU B 81 -29.00 21.72 -14.59
N GLY B 82 -27.74 21.36 -14.34
CA GLY B 82 -27.13 21.48 -13.01
C GLY B 82 -26.07 22.56 -12.99
N VAL B 83 -26.05 23.35 -11.91
CA VAL B 83 -25.10 24.45 -11.77
C VAL B 83 -24.43 24.38 -10.40
N MET B 84 -23.10 24.34 -10.39
CA MET B 84 -22.32 24.15 -9.17
C MET B 84 -21.16 25.15 -9.05
N PRO B 85 -21.41 26.31 -8.42
CA PRO B 85 -20.32 27.25 -8.20
C PRO B 85 -19.48 26.88 -6.98
N ALA B 86 -18.26 27.39 -6.93
CA ALA B 86 -17.41 27.20 -5.76
C ALA B 86 -16.34 28.27 -5.68
N TYR B 87 -15.99 28.62 -4.44
CA TYR B 87 -14.76 29.38 -4.18
C TYR B 87 -13.91 28.64 -3.16
N SER B 88 -12.62 28.54 -3.46
CA SER B 88 -11.62 28.06 -2.52
C SER B 88 -10.69 29.21 -2.11
N ALA B 89 -10.50 29.41 -0.81
CA ALA B 89 -9.60 30.43 -0.30
C ALA B 89 -8.14 29.98 -0.35
N ALA B 90 -7.89 28.73 0.04
CA ALA B 90 -6.54 28.17 0.02
C ALA B 90 -5.92 28.20 -1.37
N GLU B 91 -6.76 27.98 -2.37
CA GLU B 91 -6.30 27.97 -3.75
C GLU B 91 -6.51 29.34 -4.38
N ASP B 92 -7.46 30.10 -3.82
CA ASP B 92 -7.85 31.40 -4.35
C ASP B 92 -8.30 31.26 -5.79
N ALA B 93 -9.37 30.49 -5.97
CA ALA B 93 -9.88 30.13 -7.28
C ALA B 93 -11.40 30.16 -7.24
N LEU B 94 -12.01 30.50 -8.37
CA LEU B 94 -13.45 30.71 -8.44
C LEU B 94 -13.95 30.09 -9.73
N THR B 95 -14.87 29.14 -9.61
CA THR B 95 -15.41 28.44 -10.77
C THR B 95 -16.89 28.18 -10.64
N THR B 96 -17.49 27.79 -11.76
CA THR B 96 -18.83 27.26 -11.79
C THR B 96 -18.83 26.13 -12.81
N LYS B 97 -19.39 25.00 -12.41
CA LYS B 97 -19.55 23.86 -13.30
C LYS B 97 -21.01 23.83 -13.72
N LEU B 98 -21.25 23.79 -15.03
CA LEU B 98 -22.59 23.67 -15.57
C LEU B 98 -22.72 22.32 -16.28
N VAL B 99 -23.65 21.48 -15.82
CA VAL B 99 -23.83 20.17 -16.42
C VAL B 99 -25.28 19.91 -16.78
N THR B 100 -25.50 19.49 -18.02
CA THR B 100 -26.80 18.99 -18.47
C THR B 100 -26.84 17.46 -18.38
N PHE B 101 -27.86 16.92 -17.72
CA PHE B 101 -28.11 15.47 -17.67
C PHE B 101 -29.41 15.19 -18.43
N TYR B 102 -29.34 14.27 -19.38
CA TYR B 102 -30.44 14.03 -20.33
C TYR B 102 -30.77 12.54 -20.45
N SER B 112 -23.84 10.56 -21.70
CA SER B 112 -24.85 11.61 -21.85
C SER B 112 -24.82 12.75 -20.81
N HIS B 113 -23.71 12.84 -20.07
N HIS B 113 -23.72 12.85 -20.04
CA HIS B 113 -23.42 14.02 -19.28
CA HIS B 113 -23.42 14.02 -19.21
C HIS B 113 -22.57 14.92 -20.14
C HIS B 113 -22.53 14.94 -20.02
N GLN B 114 -22.99 16.18 -20.25
CA GLN B 114 -22.20 17.20 -20.94
C GLN B 114 -21.91 18.31 -19.93
N ALA B 115 -20.63 18.52 -19.65
CA ALA B 115 -20.23 19.49 -18.62
C ALA B 115 -19.37 20.60 -19.21
N SER B 116 -19.54 21.80 -18.66
CA SER B 116 -18.68 22.95 -18.95
C SER B 116 -18.21 23.54 -17.63
N VAL B 117 -16.95 23.97 -17.56
CA VAL B 117 -16.44 24.63 -16.35
C VAL B 117 -16.06 26.06 -16.71
N LEU B 118 -16.53 27.01 -15.92
CA LEU B 118 -16.13 28.40 -16.08
C LEU B 118 -15.16 28.73 -14.97
N LEU B 119 -14.07 29.41 -15.31
CA LEU B 119 -13.07 29.82 -14.33
C LEU B 119 -12.92 31.33 -14.37
N PHE B 120 -13.00 31.95 -13.19
CA PHE B 120 -13.03 33.40 -13.05
C PHE B 120 -11.76 33.91 -12.38
N ASP B 121 -11.40 35.15 -12.65
CA ASP B 121 -10.35 35.81 -11.88
C ASP B 121 -10.97 36.21 -10.56
N PRO B 122 -10.52 35.61 -9.45
CA PRO B 122 -11.12 35.77 -8.11
C PRO B 122 -10.95 37.17 -7.51
N SER B 123 -9.91 37.88 -7.92
CA SER B 123 -9.67 39.25 -7.47
C SER B 123 -10.44 40.28 -8.30
N ASN B 124 -11.16 39.82 -9.32
CA ASN B 124 -11.69 40.66 -10.40
C ASN B 124 -13.17 40.44 -10.73
N GLY B 125 -13.56 39.17 -10.84
CA GLY B 125 -14.87 38.80 -11.38
C GLY B 125 -14.79 38.39 -12.85
N SER B 126 -13.69 38.74 -13.51
CA SER B 126 -13.54 38.53 -14.95
C SER B 126 -13.56 37.05 -15.29
N LEU B 127 -14.29 36.71 -16.35
CA LEU B 127 -14.37 35.33 -16.81
C LEU B 127 -13.14 35.06 -17.62
N LEU B 128 -12.29 34.17 -17.12
CA LEU B 128 -11.00 33.89 -17.76
C LEU B 128 -11.12 32.76 -18.78
N ALA B 129 -11.92 31.74 -18.47
CA ALA B 129 -11.96 30.57 -19.34
C ALA B 129 -13.26 29.81 -19.26
N VAL B 130 -13.63 29.24 -20.39
CA VAL B 130 -14.73 28.31 -20.50
C VAL B 130 -14.10 27.04 -21.02
N MET B 131 -14.20 25.96 -20.26
CA MET B 131 -13.56 24.74 -20.68
C MET B 131 -14.51 23.56 -20.62
N ASP B 132 -14.12 22.51 -21.32
CA ASP B 132 -14.83 21.26 -21.28
C ASP B 132 -14.81 20.74 -19.85
N GLY B 133 -15.90 20.13 -19.43
CA GLY B 133 -16.03 19.58 -18.09
C GLY B 133 -16.03 18.07 -18.05
N ASN B 134 -16.23 17.42 -19.19
CA ASN B 134 -16.30 15.96 -19.22
C ASN B 134 -14.96 15.29 -18.88
N VAL B 135 -13.88 15.77 -19.50
CA VAL B 135 -12.55 15.22 -19.22
C VAL B 135 -12.17 15.47 -17.76
N ILE B 136 -12.41 16.69 -17.30
CA ILE B 136 -12.18 17.05 -15.90
C ILE B 136 -12.96 16.13 -14.96
N THR B 137 -14.21 15.87 -15.28
CA THR B 137 -15.06 15.02 -14.46
C THR B 137 -14.47 13.60 -14.33
N ALA B 138 -14.08 13.04 -15.47
CA ALA B 138 -13.50 11.72 -15.52
C ALA B 138 -12.16 11.64 -14.75
N LYS B 139 -11.30 12.63 -14.94
CA LYS B 139 -9.99 12.66 -14.30
C LYS B 139 -10.08 12.86 -12.78
N ARG B 140 -10.96 13.76 -12.38
CA ARG B 140 -11.14 14.13 -10.97
C ARG B 140 -11.73 12.95 -10.17
N THR B 141 -12.80 12.37 -10.67
CA THR B 141 -13.43 11.22 -10.06
C THR B 141 -12.43 10.06 -9.89
N ALA B 142 -11.67 9.77 -10.92
CA ALA B 142 -10.69 8.69 -10.83
C ALA B 142 -9.61 9.00 -9.78
N ALA B 143 -9.20 10.25 -9.71
CA ALA B 143 -8.18 10.67 -8.75
C ALA B 143 -8.66 10.59 -7.29
N VAL B 144 -9.92 10.94 -7.06
CA VAL B 144 -10.53 10.89 -5.71
C VAL B 144 -10.75 9.43 -5.25
N SER B 145 -11.08 8.55 -6.19
CA SER B 145 -11.15 7.12 -5.89
C SER B 145 -9.77 6.59 -5.49
N ALA B 146 -8.73 7.06 -6.19
CA ALA B 146 -7.35 6.64 -5.89
C ALA B 146 -6.95 7.05 -4.48
N ILE B 147 -7.27 8.29 -4.11
CA ILE B 147 -7.01 8.81 -2.77
C ILE B 147 -7.72 7.95 -1.72
N ALA B 148 -9.01 7.70 -1.94
CA ALA B 148 -9.77 6.82 -1.08
C ALA B 148 -9.13 5.43 -0.98
N THR B 149 -8.69 4.91 -2.12
CA THR B 149 -8.10 3.59 -2.20
C THR B 149 -6.76 3.48 -1.47
N LYS B 150 -5.94 4.53 -1.55
CA LYS B 150 -4.67 4.52 -0.82
C LYS B 150 -4.91 4.48 0.70
N LEU B 151 -6.00 5.07 1.15
CA LEU B 151 -6.31 5.16 2.56
C LEU B 151 -7.07 3.94 3.07
N LEU B 152 -7.86 3.30 2.20
CA LEU B 152 -8.81 2.31 2.66
C LEU B 152 -8.58 0.90 2.16
N LYS B 153 -7.71 0.69 1.17
CA LYS B 153 -7.51 -0.67 0.68
C LYS B 153 -6.93 -1.53 1.79
N PRO B 154 -7.33 -2.81 1.84
CA PRO B 154 -6.85 -3.69 2.91
C PRO B 154 -5.38 -4.02 2.73
N PRO B 155 -4.72 -4.50 3.80
CA PRO B 155 -3.35 -4.99 3.69
C PRO B 155 -3.29 -6.12 2.67
N GLY B 156 -2.23 -6.13 1.86
CA GLY B 156 -2.03 -7.15 0.83
C GLY B 156 -3.06 -7.06 -0.26
N SER B 157 -3.20 -5.87 -0.85
CA SER B 157 -4.14 -5.66 -1.95
C SER B 157 -3.52 -6.01 -3.29
N ASP B 158 -3.86 -7.19 -3.80
CA ASP B 158 -3.27 -7.72 -5.03
C ASP B 158 -4.24 -7.70 -6.21
N VAL B 159 -5.54 -7.81 -5.93
CA VAL B 159 -6.55 -7.96 -6.96
C VAL B 159 -7.43 -6.71 -7.09
N LEU B 160 -7.42 -6.10 -8.27
CA LEU B 160 -8.30 -4.98 -8.60
C LEU B 160 -9.43 -5.48 -9.49
N CYS B 161 -10.64 -4.94 -9.30
CA CYS B 161 -11.81 -5.33 -10.09
C CYS B 161 -12.63 -4.12 -10.52
N ILE B 162 -12.84 -3.98 -11.83
CA ILE B 162 -13.59 -2.86 -12.39
C ILE B 162 -14.92 -3.39 -12.94
N LEU B 163 -16.02 -2.83 -12.47
CA LEU B 163 -17.34 -3.15 -12.99
C LEU B 163 -17.82 -1.98 -13.81
N GLY B 164 -18.03 -2.22 -15.10
CA GLY B 164 -18.38 -1.16 -16.05
C GLY B 164 -17.22 -0.95 -17.01
N ALA B 165 -17.52 -0.42 -18.21
CA ALA B 165 -16.51 -0.26 -19.25
C ALA B 165 -16.64 1.06 -20.06
N GLY B 166 -17.26 2.08 -19.48
CA GLY B 166 -17.35 3.39 -20.12
C GLY B 166 -16.15 4.29 -19.83
N VAL B 167 -16.37 5.59 -19.96
CA VAL B 167 -15.33 6.62 -19.79
C VAL B 167 -14.65 6.55 -18.42
N GLN B 168 -15.46 6.35 -17.39
CA GLN B 168 -14.97 6.32 -16.02
C GLN B 168 -14.09 5.09 -15.74
N ALA B 169 -14.36 3.99 -16.44
CA ALA B 169 -13.54 2.80 -16.32
C ALA B 169 -12.12 3.03 -16.83
N TYR B 170 -11.98 3.77 -17.94
CA TYR B 170 -10.67 4.04 -18.53
C TYR B 170 -9.86 4.96 -17.64
N SER B 171 -10.46 6.07 -17.21
CA SER B 171 -9.78 7.04 -16.36
C SER B 171 -9.37 6.42 -15.03
N HIS B 172 -10.23 5.59 -14.46
CA HIS B 172 -9.88 4.86 -13.25
C HIS B 172 -8.72 3.91 -13.49
N TYR B 173 -8.77 3.16 -14.59
CA TYR B 173 -7.71 2.22 -14.92
C TYR B 173 -6.37 2.92 -15.11
N GLU B 174 -6.37 4.06 -15.80
CA GLU B 174 -5.13 4.78 -16.07
C GLU B 174 -4.45 5.18 -14.76
N ILE B 175 -5.19 5.85 -13.88
CA ILE B 175 -4.59 6.34 -12.62
C ILE B 175 -4.28 5.22 -11.63
N PHE B 176 -5.13 4.20 -11.57
CA PHE B 176 -4.92 3.09 -10.62
C PHE B 176 -3.68 2.25 -10.95
N THR B 177 -3.45 1.95 -12.23
CA THR B 177 -2.27 1.19 -12.63
C THR B 177 -1.00 2.03 -12.46
N GLU B 178 -1.15 3.35 -12.57
CA GLU B 178 -0.08 4.29 -12.24
C GLU B 178 0.20 4.38 -10.74
N GLN B 179 -0.84 4.58 -9.93
CA GLN B 179 -0.67 4.80 -8.48
C GLN B 179 -0.42 3.55 -7.66
N PHE B 180 -0.91 2.40 -8.13
CA PHE B 180 -0.80 1.14 -7.38
C PHE B 180 -0.23 0.05 -8.25
N SER B 181 0.27 -1.00 -7.60
CA SER B 181 0.79 -2.17 -8.30
C SER B 181 -0.07 -3.40 -7.96
N PHE B 182 -0.94 -3.76 -8.88
CA PHE B 182 -1.83 -4.89 -8.69
C PHE B 182 -1.29 -6.11 -9.42
N LYS B 183 -1.43 -7.28 -8.80
CA LYS B 183 -1.04 -8.55 -9.44
C LYS B 183 -2.02 -8.93 -10.54
N GLU B 184 -3.24 -8.43 -10.46
CA GLU B 184 -4.29 -8.85 -11.37
C GLU B 184 -5.37 -7.78 -11.46
N VAL B 185 -5.80 -7.50 -12.68
CA VAL B 185 -6.94 -6.61 -12.93
C VAL B 185 -8.03 -7.40 -13.64
N ARG B 186 -9.26 -7.28 -13.16
CA ARG B 186 -10.41 -7.94 -13.76
C ARG B 186 -11.43 -6.92 -14.20
N MET B 187 -12.24 -7.29 -15.18
CA MET B 187 -13.37 -6.45 -15.58
C MET B 187 -14.61 -7.27 -15.93
N TRP B 188 -15.77 -6.70 -15.62
CA TRP B 188 -17.05 -7.17 -16.11
C TRP B 188 -17.81 -5.97 -16.63
N ASN B 189 -18.60 -6.18 -17.69
CA ASN B 189 -19.57 -5.21 -18.17
C ASN B 189 -20.82 -5.95 -18.66
N ARG B 190 -21.98 -5.31 -18.56
CA ARG B 190 -23.25 -5.94 -18.95
C ARG B 190 -23.20 -6.54 -20.36
N THR B 191 -22.56 -5.81 -21.28
CA THR B 191 -22.21 -6.33 -22.60
C THR B 191 -20.74 -6.73 -22.58
N ARG B 192 -20.45 -8.01 -22.82
CA ARG B 192 -19.05 -8.48 -22.79
C ARG B 192 -18.21 -7.83 -23.90
N GLU B 193 -18.85 -7.58 -25.06
CA GLU B 193 -18.18 -6.97 -26.21
C GLU B 193 -17.40 -5.71 -25.83
N ASN B 194 -18.04 -4.83 -25.06
CA ASN B 194 -17.40 -3.60 -24.59
C ASN B 194 -16.28 -3.82 -23.56
N ALA B 195 -16.37 -4.90 -22.80
CA ALA B 195 -15.32 -5.27 -21.87
C ALA B 195 -14.06 -5.76 -22.59
N GLU B 196 -14.24 -6.54 -23.66
CA GLU B 196 -13.10 -7.03 -24.45
C GLU B 196 -12.44 -5.90 -25.24
N LYS B 197 -13.26 -4.99 -25.76
CA LYS B 197 -12.76 -3.80 -26.44
C LYS B 197 -11.87 -2.99 -25.50
N PHE B 198 -12.32 -2.88 -24.24
CA PHE B 198 -11.53 -2.24 -23.19
C PHE B 198 -10.23 -3.00 -22.97
N ALA B 199 -10.33 -4.29 -22.72
CA ALA B 199 -9.15 -5.12 -22.45
C ALA B 199 -8.10 -5.09 -23.58
N SER B 200 -8.53 -4.75 -24.80
CA SER B 200 -7.64 -4.67 -25.95
C SER B 200 -6.95 -3.32 -26.04
N THR B 201 -7.74 -2.26 -25.83
CA THR B 201 -7.27 -0.87 -25.91
C THR B 201 -6.25 -0.53 -24.83
N VAL B 202 -6.31 -1.24 -23.70
CA VAL B 202 -5.59 -0.81 -22.50
C VAL B 202 -4.21 -1.48 -22.43
N GLN B 203 -3.23 -0.73 -21.92
CA GLN B 203 -1.86 -1.24 -21.77
C GLN B 203 -1.76 -2.08 -20.49
N GLY B 204 -1.74 -3.40 -20.64
CA GLY B 204 -1.67 -4.32 -19.50
C GLY B 204 -2.72 -5.41 -19.58
N ASP B 205 -2.46 -6.54 -18.91
CA ASP B 205 -3.35 -7.69 -18.97
C ASP B 205 -4.61 -7.50 -18.12
N VAL B 206 -5.76 -7.66 -18.77
CA VAL B 206 -7.08 -7.52 -18.13
C VAL B 206 -7.92 -8.79 -18.28
N ARG B 207 -8.21 -9.45 -17.16
CA ARG B 207 -9.10 -10.62 -17.12
C ARG B 207 -10.56 -10.22 -17.35
N VAL B 208 -11.10 -10.52 -18.53
CA VAL B 208 -12.54 -10.30 -18.72
C VAL B 208 -13.28 -11.48 -18.10
N CYS B 209 -14.34 -11.16 -17.36
CA CYS B 209 -15.08 -12.15 -16.59
C CYS B 209 -16.54 -12.14 -17.02
N SER B 210 -17.17 -13.31 -17.01
CA SER B 210 -18.54 -13.46 -17.51
C SER B 210 -19.62 -13.00 -16.52
N SER B 211 -19.32 -13.00 -15.23
CA SER B 211 -20.26 -12.50 -14.21
C SER B 211 -19.65 -11.48 -13.24
N VAL B 212 -20.52 -10.72 -12.60
CA VAL B 212 -20.10 -9.79 -11.55
C VAL B 212 -19.45 -10.59 -10.42
N GLN B 213 -20.11 -11.69 -10.04
CA GLN B 213 -19.64 -12.58 -8.99
C GLN B 213 -18.24 -13.10 -9.25
N GLU B 214 -17.98 -13.62 -10.45
CA GLU B 214 -16.63 -14.09 -10.80
C GLU B 214 -15.61 -12.95 -10.69
N ALA B 215 -16.01 -11.75 -11.09
CA ALA B 215 -15.11 -10.60 -11.12
C ALA B 215 -14.70 -10.14 -9.72
N VAL B 216 -15.63 -10.11 -8.77
CA VAL B 216 -15.34 -9.56 -7.44
C VAL B 216 -14.81 -10.57 -6.41
N THR B 217 -15.01 -11.87 -6.61
CA THR B 217 -14.57 -12.85 -5.59
C THR B 217 -13.05 -12.88 -5.51
N GLY B 218 -12.52 -12.68 -4.32
CA GLY B 218 -11.08 -12.55 -4.11
C GLY B 218 -10.53 -11.16 -4.40
N ALA B 219 -11.37 -10.26 -4.90
CA ALA B 219 -10.94 -8.89 -5.23
C ALA B 219 -10.63 -8.12 -3.95
N ASP B 220 -9.53 -7.37 -3.98
CA ASP B 220 -9.13 -6.53 -2.85
C ASP B 220 -9.69 -5.11 -3.02
N VAL B 221 -9.76 -4.66 -4.27
CA VAL B 221 -10.27 -3.32 -4.58
C VAL B 221 -11.28 -3.47 -5.71
N ILE B 222 -12.43 -2.83 -5.53
CA ILE B 222 -13.50 -2.89 -6.51
C ILE B 222 -13.92 -1.49 -6.91
N ILE B 223 -14.03 -1.23 -8.21
CA ILE B 223 -14.55 0.04 -8.73
C ILE B 223 -15.86 -0.27 -9.44
N THR B 224 -16.95 0.38 -8.99
CA THR B 224 -18.24 0.21 -9.65
C THR B 224 -18.61 1.49 -10.41
N VAL B 225 -18.59 1.37 -11.73
CA VAL B 225 -18.92 2.45 -12.66
C VAL B 225 -19.86 1.91 -13.73
N THR B 226 -21.01 1.39 -13.31
CA THR B 226 -21.96 0.75 -14.24
C THR B 226 -23.18 1.63 -14.53
N MET B 227 -24.01 1.15 -15.46
CA MET B 227 -25.29 1.78 -15.77
C MET B 227 -26.43 1.11 -15.01
N ALA B 228 -26.09 0.32 -13.98
CA ALA B 228 -27.10 -0.41 -13.21
C ALA B 228 -27.89 0.53 -12.31
N THR B 229 -29.20 0.32 -12.27
CA THR B 229 -30.10 1.06 -11.37
C THR B 229 -30.64 0.16 -10.25
N GLU B 230 -30.30 -1.12 -10.29
CA GLU B 230 -30.68 -2.08 -9.25
C GLU B 230 -29.41 -2.80 -8.78
N PRO B 231 -29.39 -3.26 -7.52
CA PRO B 231 -28.16 -3.86 -6.99
C PRO B 231 -27.57 -4.98 -7.85
N ILE B 232 -26.30 -4.83 -8.21
CA ILE B 232 -25.58 -5.83 -9.00
C ILE B 232 -24.42 -6.44 -8.21
N LEU B 233 -23.98 -5.74 -7.15
CA LEU B 233 -22.91 -6.24 -6.30
C LEU B 233 -23.47 -6.55 -4.92
N PHE B 234 -23.36 -7.81 -4.52
CA PHE B 234 -23.90 -8.28 -3.24
C PHE B 234 -22.79 -8.53 -2.22
N GLY B 235 -22.99 -8.06 -0.99
CA GLY B 235 -21.99 -8.20 0.08
C GLY B 235 -21.42 -9.60 0.20
N GLU B 236 -22.31 -10.58 0.05
CA GLU B 236 -21.97 -12.01 0.01
C GLU B 236 -20.71 -12.37 -0.75
N TRP B 237 -20.50 -11.75 -1.92
CA TRP B 237 -19.36 -12.05 -2.78
C TRP B 237 -18.08 -11.30 -2.41
N VAL B 238 -18.19 -10.30 -1.53
CA VAL B 238 -17.07 -9.41 -1.24
C VAL B 238 -16.14 -9.97 -0.14
N LYS B 239 -14.87 -10.10 -0.48
CA LYS B 239 -13.83 -10.51 0.46
C LYS B 239 -13.80 -9.55 1.65
N PRO B 240 -13.88 -10.08 2.89
CA PRO B 240 -13.76 -9.22 4.07
C PRO B 240 -12.51 -8.37 4.00
N GLY B 241 -12.64 -7.08 4.24
CA GLY B 241 -11.53 -6.15 4.12
C GLY B 241 -11.46 -5.42 2.79
N ALA B 242 -12.20 -5.87 1.78
CA ALA B 242 -12.11 -5.25 0.45
C ALA B 242 -12.58 -3.81 0.50
N HIS B 243 -12.04 -2.99 -0.41
CA HIS B 243 -12.45 -1.60 -0.55
C HIS B 243 -13.20 -1.41 -1.86
N ILE B 244 -14.38 -0.80 -1.76
CA ILE B 244 -15.25 -0.55 -2.90
C ILE B 244 -15.33 0.95 -3.16
N ASN B 245 -14.98 1.36 -4.38
CA ASN B 245 -15.28 2.70 -4.87
C ASN B 245 -16.57 2.69 -5.67
N ALA B 246 -17.65 3.16 -5.05
CA ALA B 246 -18.97 3.15 -5.67
C ALA B 246 -19.21 4.49 -6.34
N VAL B 247 -18.93 4.54 -7.65
CA VAL B 247 -19.00 5.78 -8.43
C VAL B 247 -20.33 5.91 -9.19
N GLY B 248 -21.01 4.79 -9.46
CA GLY B 248 -22.28 4.82 -10.20
C GLY B 248 -23.49 5.18 -9.35
N ALA B 249 -24.67 5.03 -9.95
CA ALA B 249 -25.96 5.24 -9.29
C ALA B 249 -26.09 6.62 -8.64
N SER B 250 -25.93 7.66 -9.45
CA SER B 250 -25.93 9.05 -8.98
C SER B 250 -27.34 9.65 -8.74
N ARG B 251 -28.37 8.81 -8.67
CA ARG B 251 -29.73 9.27 -8.40
C ARG B 251 -30.31 8.59 -7.15
N PRO B 252 -31.21 9.28 -6.42
CA PRO B 252 -31.73 8.75 -5.14
C PRO B 252 -32.65 7.53 -5.26
N ASP B 253 -32.89 7.07 -6.48
CA ASP B 253 -33.70 5.89 -6.74
C ASP B 253 -32.91 4.77 -7.42
N TRP B 254 -31.61 4.98 -7.64
CA TRP B 254 -30.75 3.94 -8.23
C TRP B 254 -29.74 3.38 -7.21
N ARG B 255 -29.36 2.11 -7.43
CA ARG B 255 -28.36 1.42 -6.61
C ARG B 255 -27.45 0.53 -7.45
N GLU B 256 -26.20 0.36 -7.00
CA GLU B 256 -25.31 -0.70 -7.50
C GLU B 256 -25.09 -1.80 -6.46
N LEU B 257 -25.13 -1.45 -5.17
CA LEU B 257 -24.78 -2.38 -4.11
C LEU B 257 -26.00 -2.76 -3.29
N ASP B 258 -25.96 -3.96 -2.70
CA ASP B 258 -27.08 -4.47 -1.93
C ASP B 258 -27.03 -3.97 -0.49
N ASP B 259 -28.12 -4.24 0.23
CA ASP B 259 -28.29 -3.84 1.62
C ASP B 259 -27.19 -4.35 2.53
N GLU B 260 -26.89 -5.65 2.43
CA GLU B 260 -25.85 -6.26 3.26
C GLU B 260 -24.53 -5.49 3.15
N LEU B 261 -24.09 -5.19 1.94
CA LEU B 261 -22.82 -4.48 1.74
C LEU B 261 -22.85 -3.06 2.32
N MET B 262 -23.92 -2.33 2.05
CA MET B 262 -24.05 -0.94 2.52
C MET B 262 -24.11 -0.82 4.03
N ARG B 263 -24.70 -1.82 4.67
CA ARG B 263 -24.86 -1.81 6.12
C ARG B 263 -23.66 -2.42 6.88
N GLN B 264 -22.98 -3.39 6.27
CA GLN B 264 -21.83 -4.05 6.91
C GLN B 264 -20.53 -3.28 6.68
N ALA B 265 -20.37 -2.67 5.51
CA ALA B 265 -19.17 -1.89 5.22
C ALA B 265 -19.09 -0.65 6.10
N VAL B 266 -17.87 -0.16 6.32
CA VAL B 266 -17.69 1.19 6.88
C VAL B 266 -17.84 2.15 5.70
N LEU B 267 -18.77 3.09 5.82
CA LEU B 267 -19.14 3.95 4.70
C LEU B 267 -18.44 5.31 4.75
N TYR B 268 -17.69 5.61 3.70
CA TYR B 268 -17.07 6.91 3.53
C TYR B 268 -17.67 7.61 2.31
N VAL B 269 -17.73 8.95 2.36
CA VAL B 269 -18.20 9.74 1.24
C VAL B 269 -17.32 10.98 1.09
N ASP B 270 -17.48 11.68 -0.03
CA ASP B 270 -16.82 12.98 -0.19
C ASP B 270 -17.64 14.05 0.53
N SER B 271 -18.96 14.01 0.34
CA SER B 271 -19.85 14.94 1.03
C SER B 271 -21.03 14.21 1.63
N ARG B 272 -21.21 14.40 2.93
CA ARG B 272 -22.30 13.77 3.67
C ARG B 272 -23.66 14.33 3.23
N GLU B 273 -23.76 15.66 3.14
CA GLU B 273 -24.98 16.34 2.67
C GLU B 273 -25.43 15.84 1.29
N ALA B 274 -24.47 15.75 0.37
CA ALA B 274 -24.74 15.32 -1.00
C ALA B 274 -25.18 13.86 -1.10
N ALA B 275 -24.57 13.00 -0.29
CA ALA B 275 -24.91 11.58 -0.28
C ALA B 275 -26.33 11.35 0.26
N LEU B 276 -26.66 12.01 1.36
CA LEU B 276 -28.01 11.92 1.94
C LEU B 276 -29.11 12.49 1.03
N LYS B 277 -28.74 13.24 -0.02
CA LYS B 277 -29.70 13.78 -0.98
C LYS B 277 -29.72 13.00 -2.30
N GLU B 278 -28.54 12.65 -2.82
CA GLU B 278 -28.40 12.15 -4.18
C GLU B 278 -28.18 10.63 -4.30
N SER B 279 -27.69 9.98 -3.24
CA SER B 279 -27.23 8.59 -3.37
C SER B 279 -28.31 7.60 -3.00
N GLY B 280 -28.81 6.87 -3.99
CA GLY B 280 -29.80 5.83 -3.76
C GLY B 280 -29.27 4.69 -2.91
N ASP B 281 -28.02 4.30 -3.13
CA ASP B 281 -27.37 3.26 -2.33
C ASP B 281 -27.38 3.58 -0.83
N VAL B 282 -27.20 4.86 -0.51
CA VAL B 282 -27.20 5.33 0.86
C VAL B 282 -28.63 5.37 1.42
N LEU B 283 -29.55 5.98 0.67
CA LEU B 283 -30.93 6.18 1.15
C LEU B 283 -31.74 4.89 1.19
N LEU B 284 -31.78 4.16 0.07
CA LEU B 284 -32.55 2.91 -0.03
C LEU B 284 -32.03 1.79 0.87
N SER B 285 -30.79 1.91 1.36
CA SER B 285 -30.22 0.94 2.30
C SER B 285 -30.48 1.32 3.76
N GLY B 286 -30.50 2.63 4.03
CA GLY B 286 -30.60 3.14 5.39
C GLY B 286 -29.24 3.19 6.08
N ALA B 287 -28.17 3.04 5.31
CA ALA B 287 -26.82 2.99 5.87
C ALA B 287 -26.42 4.30 6.55
N ASP B 288 -25.57 4.17 7.56
CA ASP B 288 -25.02 5.33 8.27
C ASP B 288 -23.66 5.64 7.66
N ILE B 289 -23.36 6.93 7.53
CA ILE B 289 -22.10 7.37 6.98
C ILE B 289 -21.12 7.57 8.13
N PHE B 290 -19.99 6.86 8.09
CA PHE B 290 -19.00 6.99 9.14
C PHE B 290 -18.22 8.30 9.05
N ALA B 291 -17.80 8.66 7.84
CA ALA B 291 -16.88 9.78 7.67
C ALA B 291 -16.86 10.36 6.26
N GLU B 292 -16.55 11.64 6.16
CA GLU B 292 -16.16 12.23 4.88
C GLU B 292 -14.69 11.93 4.63
N LEU B 293 -14.33 11.75 3.36
CA LEU B 293 -12.96 11.38 2.99
C LEU B 293 -12.00 12.46 3.48
N GLY B 294 -12.45 13.71 3.47
CA GLY B 294 -11.68 14.84 3.99
C GLY B 294 -11.35 14.75 5.46
N GLU B 295 -12.22 14.12 6.24
CA GLU B 295 -11.96 13.93 7.66
C GLU B 295 -10.80 12.94 7.88
N VAL B 296 -10.70 11.95 7.02
CA VAL B 296 -9.62 10.96 7.11
C VAL B 296 -8.30 11.63 6.80
N ILE B 297 -8.27 12.37 5.70
CA ILE B 297 -7.07 13.10 5.27
C ILE B 297 -6.59 14.05 6.36
N SER B 298 -7.50 14.74 7.03
CA SER B 298 -7.12 15.71 8.05
C SER B 298 -6.73 15.09 9.40
N GLY B 299 -7.06 13.82 9.61
CA GLY B 299 -6.78 13.12 10.88
C GLY B 299 -7.95 13.12 11.86
N ALA B 300 -9.08 13.71 11.46
CA ALA B 300 -10.24 13.82 12.34
C ALA B 300 -10.99 12.48 12.44
N LYS B 301 -10.89 11.67 11.40
CA LYS B 301 -11.49 10.33 11.42
C LYS B 301 -10.51 9.28 10.92
N PRO B 302 -10.60 8.05 11.46
CA PRO B 302 -9.69 6.99 11.07
C PRO B 302 -10.02 6.33 9.73
N ALA B 303 -8.99 5.79 9.10
CA ALA B 303 -9.14 4.94 7.93
C ALA B 303 -9.24 3.49 8.39
N HIS B 304 -10.45 2.93 8.38
CA HIS B 304 -10.65 1.55 8.83
C HIS B 304 -10.41 0.57 7.70
N CYS B 305 -9.15 0.54 7.26
CA CYS B 305 -8.80 -0.19 6.04
C CYS B 305 -8.85 -1.71 6.21
N GLU B 306 -8.81 -2.20 7.45
CA GLU B 306 -8.90 -3.64 7.72
C GLU B 306 -10.32 -4.16 7.50
N LYS B 307 -11.31 -3.30 7.72
CA LYS B 307 -12.71 -3.64 7.53
C LYS B 307 -13.11 -3.44 6.07
N THR B 308 -14.20 -4.08 5.68
CA THR B 308 -14.78 -3.86 4.37
C THR B 308 -15.28 -2.43 4.32
N THR B 309 -14.90 -1.71 3.26
CA THR B 309 -15.19 -0.28 3.16
C THR B 309 -15.80 0.06 1.81
N VAL B 310 -16.73 1.01 1.83
CA VAL B 310 -17.28 1.59 0.63
C VAL B 310 -16.96 3.07 0.66
N PHE B 311 -16.43 3.56 -0.46
CA PHE B 311 -16.35 4.99 -0.70
C PHE B 311 -17.37 5.38 -1.78
N LYS B 312 -18.39 6.12 -1.34
CA LYS B 312 -19.44 6.63 -2.20
C LYS B 312 -19.05 8.02 -2.68
N SER B 313 -18.82 8.12 -3.98
CA SER B 313 -18.38 9.35 -4.60
C SER B 313 -19.55 10.02 -5.30
N LEU B 314 -19.84 11.27 -4.93
CA LEU B 314 -20.87 12.09 -5.58
C LEU B 314 -20.29 13.19 -6.46
N GLY B 315 -19.09 13.67 -6.11
CA GLY B 315 -18.50 14.77 -6.84
C GLY B 315 -18.89 16.08 -6.19
N MET B 316 -17.93 16.99 -6.11
CA MET B 316 -18.15 18.28 -5.48
C MET B 316 -17.59 19.34 -6.39
N ALA B 317 -18.19 20.51 -6.35
CA ALA B 317 -17.76 21.63 -7.20
C ALA B 317 -16.30 21.98 -6.96
N VAL B 318 -15.84 21.87 -5.71
CA VAL B 318 -14.47 22.22 -5.35
C VAL B 318 -13.45 21.21 -5.90
N GLU B 319 -13.89 19.99 -6.17
CA GLU B 319 -13.06 18.98 -6.83
C GLU B 319 -12.80 19.36 -8.30
N ASP B 320 -13.83 19.86 -8.98
CA ASP B 320 -13.72 20.30 -10.37
C ASP B 320 -12.87 21.57 -10.47
N LEU B 321 -13.08 22.46 -9.51
CA LEU B 321 -12.33 23.72 -9.40
C LEU B 321 -10.82 23.49 -9.36
N VAL B 322 -10.39 22.52 -8.55
CA VAL B 322 -8.99 22.14 -8.42
C VAL B 322 -8.41 21.69 -9.76
N ALA B 323 -9.14 20.81 -10.44
CA ALA B 323 -8.72 20.30 -11.75
C ALA B 323 -8.67 21.43 -12.78
N ALA B 324 -9.74 22.22 -12.84
CA ALA B 324 -9.80 23.38 -13.74
C ALA B 324 -8.67 24.37 -13.52
N LYS B 325 -8.30 24.59 -12.26
CA LYS B 325 -7.21 25.50 -11.96
C LYS B 325 -5.87 24.98 -12.46
N LEU B 326 -5.62 23.70 -12.21
CA LEU B 326 -4.46 23.00 -12.79
C LEU B 326 -4.40 23.20 -14.30
N VAL B 327 -5.51 22.90 -14.97
CA VAL B 327 -5.59 22.99 -16.42
C VAL B 327 -5.28 24.41 -16.89
N TYR B 328 -6.02 25.38 -16.35
CA TYR B 328 -5.87 26.78 -16.78
C TYR B 328 -4.47 27.33 -16.56
N ASP B 329 -3.86 27.03 -15.42
CA ASP B 329 -2.50 27.48 -15.10
C ASP B 329 -1.48 26.84 -16.05
N SER B 330 -1.64 25.56 -16.34
CA SER B 330 -0.77 24.87 -17.32
C SER B 330 -0.92 25.48 -18.73
N TRP B 331 -2.16 25.64 -19.18
CA TRP B 331 -2.45 26.27 -20.47
C TRP B 331 -1.89 27.69 -20.52
N SER B 332 -2.11 28.45 -19.44
CA SER B 332 -1.70 29.84 -19.35
C SER B 332 -0.17 29.99 -19.41
N SER B 333 0.55 29.03 -18.84
CA SER B 333 2.01 29.06 -18.80
C SER B 333 2.61 28.91 -20.20
#